data_8SFW
#
_entry.id   8SFW
#
_cell.length_a   45.884
_cell.length_b   109.420
_cell.length_c   165.840
_cell.angle_alpha   90.000
_cell.angle_beta   90.000
_cell.angle_gamma   90.000
#
_symmetry.space_group_name_H-M   'C 2 2 21'
#
loop_
_entity.id
_entity.type
_entity.pdbx_description
1 polymer 'UDP-glycosyltransferase 202A2'
2 non-polymer "URIDINE-5'-DIPHOSPHATE"
3 non-polymer "3,5,7,3',4'-PENTAHYDROXYFLAVONE"
4 water water
#
_entity_poly.entity_id   1
_entity_poly.type   'polypeptide(L)'
_entity_poly.pdbx_seq_one_letter_code
;MNPETMNENGKSLKILFTALFGPGHLNACLGIGSLLRKRGHQIYFAHFPRHRATIEKHGFLFISLLDYAEPEFPIVDMLP
DIGIIAKFAFERMHKLTPLELFRHASGKHTFAGMVNGSKGENYAMMKIVKEYKPDVCLADYLFNMPWMFTVDCPVIPVKS
VNPIELYNGPPALTGCSIHDPPSVREEIEQLARKSELELESELEKLFAHFNVPLVSYNYAQQLGIYIYPGPLDYKELGSP
KENWVRLDSSIRSTEISNFELPEKLKDKPGKLIYVSMGSLASAVTELLTMILTPLANSPHRFIVSTGPNGDSIKLYDNMW
GDKFINQVALLPKVDLFITHGGSNSLIEGLTAGKPLIAIPQFGDQLDNAQRIADLGLGVRLNLHEFSGEKLLKAIEDVLN
DEKINANVARVSEELKKSDSKDKVISLIEKLARDKKL
;
_entity_poly.pdbx_strand_id   A
#
# COMPACT_ATOMS: atom_id res chain seq x y z
N LYS A 11 11.42 1.45 30.84
CA LYS A 11 12.31 2.48 30.26
C LYS A 11 11.72 2.93 28.94
N SER A 12 11.37 4.22 28.87
CA SER A 12 10.74 4.85 27.72
C SER A 12 11.78 5.12 26.62
N LEU A 13 11.45 4.69 25.39
CA LEU A 13 12.40 4.65 24.27
C LEU A 13 12.19 5.84 23.34
N LYS A 14 13.25 6.23 22.63
CA LYS A 14 13.15 7.13 21.49
C LYS A 14 13.03 6.29 20.22
N ILE A 15 11.86 6.38 19.56
CA ILE A 15 11.58 5.58 18.39
C ILE A 15 11.44 6.46 17.16
N LEU A 16 12.23 6.20 16.12
CA LEU A 16 12.20 7.00 14.89
C LEU A 16 11.57 6.22 13.72
N PHE A 17 10.56 6.84 13.09
CA PHE A 17 9.99 6.27 11.89
C PHE A 17 10.34 7.11 10.67
N THR A 18 10.32 6.44 9.50
CA THR A 18 10.30 7.12 8.20
C THR A 18 9.57 6.21 7.23
N ALA A 19 9.24 6.76 6.05
CA ALA A 19 8.55 6.02 5.00
C ALA A 19 8.78 6.66 3.63
N LEU A 20 8.39 5.94 2.57
CA LEU A 20 8.29 6.57 1.27
C LEU A 20 7.26 7.69 1.31
N PHE A 21 7.40 8.61 0.34
CA PHE A 21 6.47 9.68 0.00
C PHE A 21 4.99 9.26 0.06
N GLY A 22 4.66 8.13 -0.59
CA GLY A 22 3.30 7.63 -0.71
C GLY A 22 2.55 7.58 0.63
N PRO A 23 1.36 8.22 0.73
CA PRO A 23 0.48 8.05 1.90
C PRO A 23 0.10 6.62 2.30
N GLY A 24 0.19 5.66 1.37
CA GLY A 24 -0.01 4.27 1.78
C GLY A 24 1.04 3.85 2.81
N HIS A 25 2.30 4.22 2.55
CA HIS A 25 3.38 3.82 3.43
C HIS A 25 3.32 4.63 4.73
N LEU A 26 3.06 5.92 4.62
CA LEU A 26 3.00 6.73 5.82
C LEU A 26 1.92 6.22 6.75
N ASN A 27 0.76 5.86 6.21
CA ASN A 27 -0.40 5.51 7.02
C ASN A 27 -0.22 4.22 7.81
N ALA A 28 0.49 3.27 7.24
CA ALA A 28 0.81 2.02 7.93
C ALA A 28 1.63 2.28 9.20
N CYS A 29 2.65 3.15 9.08
CA CYS A 29 3.56 3.47 10.17
C CYS A 29 2.86 4.28 11.26
N LEU A 30 1.90 5.14 10.85
CA LEU A 30 1.14 5.94 11.81
C LEU A 30 0.47 5.01 12.83
N GLY A 31 -0.16 3.94 12.33
CA GLY A 31 -0.81 2.92 13.14
C GLY A 31 0.14 2.26 14.14
N ILE A 32 1.34 1.83 13.70
CA ILE A 32 2.32 1.22 14.60
C ILE A 32 2.79 2.25 15.63
N GLY A 33 3.13 3.46 15.15
CA GLY A 33 3.52 4.57 16.01
C GLY A 33 2.51 4.83 17.12
N SER A 34 1.22 4.75 16.79
CA SER A 34 0.17 4.99 17.78
C SER A 34 0.19 3.97 18.89
N LEU A 35 0.49 2.71 18.55
CA LEU A 35 0.55 1.65 19.54
C LEU A 35 1.70 1.89 20.49
N LEU A 36 2.84 2.34 19.96
CA LEU A 36 4.05 2.54 20.75
C LEU A 36 3.93 3.77 21.64
N ARG A 37 3.29 4.81 21.11
CA ARG A 37 3.05 6.02 21.89
C ARG A 37 2.24 5.71 23.14
N LYS A 38 1.25 4.83 22.98
CA LYS A 38 0.37 4.41 24.06
C LYS A 38 1.18 3.73 25.17
N ARG A 39 2.32 3.14 24.81
CA ARG A 39 3.16 2.40 25.79
C ARG A 39 4.08 3.35 26.54
N GLY A 40 4.15 4.62 26.13
CA GLY A 40 4.96 5.59 26.84
C GLY A 40 6.22 5.99 26.09
N HIS A 41 6.34 5.63 24.82
CA HIS A 41 7.57 5.90 24.08
C HIS A 41 7.42 7.24 23.38
N GLN A 42 8.54 7.91 23.13
CA GLN A 42 8.57 9.16 22.39
C GLN A 42 8.78 8.86 20.91
N ILE A 43 7.79 9.15 20.07
CA ILE A 43 7.82 8.80 18.66
C ILE A 43 8.25 10.02 17.85
N TYR A 44 9.23 9.82 16.98
CA TYR A 44 9.60 10.79 15.97
C TYR A 44 9.29 10.20 14.60
N PHE A 45 8.86 11.04 13.67
CA PHE A 45 8.59 10.57 12.29
C PHE A 45 9.23 11.54 11.30
N ALA A 46 10.22 11.05 10.54
CA ALA A 46 10.89 11.89 9.52
C ALA A 46 10.21 11.67 8.18
N HIS A 47 9.53 12.70 7.67
CA HIS A 47 8.80 12.56 6.39
C HIS A 47 8.61 13.97 5.84
N PHE A 48 7.76 14.14 4.81
CA PHE A 48 7.63 15.45 4.12
C PHE A 48 6.67 16.42 4.81
N PRO A 49 6.86 17.75 4.64
CA PRO A 49 6.03 18.77 5.30
C PRO A 49 4.51 18.63 5.15
N ARG A 50 4.04 18.01 4.06
CA ARG A 50 2.58 17.92 3.81
C ARG A 50 1.92 17.00 4.84
N HIS A 51 2.71 16.19 5.56
CA HIS A 51 2.11 15.21 6.50
C HIS A 51 2.38 15.62 7.94
N ARG A 52 2.99 16.79 8.14
CA ARG A 52 3.30 17.28 9.50
C ARG A 52 2.03 17.28 10.35
N ALA A 53 0.90 17.70 9.78
CA ALA A 53 -0.35 17.80 10.56
C ALA A 53 -0.76 16.43 11.09
N THR A 54 -0.85 15.44 10.21
CA THR A 54 -1.30 14.09 10.64
C THR A 54 -0.32 13.53 11.67
N ILE A 55 0.98 13.68 11.40
CA ILE A 55 2.01 13.13 12.33
C ILE A 55 1.87 13.81 13.69
N GLU A 56 1.78 15.14 13.71
CA GLU A 56 1.73 15.88 14.99
C GLU A 56 0.38 15.65 15.67
N LYS A 57 -0.68 15.45 14.88
CA LYS A 57 -2.02 15.16 15.44
C LYS A 57 -1.98 13.83 16.18
N HIS A 58 -1.08 12.93 15.74
CA HIS A 58 -0.97 11.59 16.36
C HIS A 58 -0.08 11.67 17.60
N GLY A 59 0.57 12.82 17.80
CA GLY A 59 1.42 13.02 18.99
C GLY A 59 2.86 12.71 18.70
N PHE A 60 3.22 12.65 17.42
CA PHE A 60 4.60 12.29 17.02
C PHE A 60 5.35 13.58 16.67
N LEU A 61 6.68 13.58 16.86
CA LEU A 61 7.50 14.77 16.53
C LEU A 61 7.87 14.72 15.05
N PHE A 62 7.55 15.77 14.30
CA PHE A 62 7.80 15.78 12.83
C PHE A 62 9.22 16.24 12.53
N ILE A 63 9.91 15.52 11.64
CA ILE A 63 11.27 15.93 11.19
C ILE A 63 11.24 15.97 9.66
N SER A 64 11.55 17.12 9.08
CA SER A 64 11.48 17.26 7.59
C SER A 64 12.76 16.70 6.97
N LEU A 65 12.63 15.64 6.20
CA LEU A 65 13.81 15.07 5.48
C LEU A 65 14.40 16.17 4.62
N LEU A 66 13.60 17.18 4.27
CA LEU A 66 14.07 18.27 3.37
C LEU A 66 15.10 19.14 4.10
N ASP A 67 14.95 19.28 5.42
CA ASP A 67 15.90 20.08 6.19
C ASP A 67 17.24 19.38 6.40
N TYR A 68 17.38 18.10 6.00
CA TYR A 68 18.59 17.35 6.26
C TYR A 68 19.25 16.90 4.97
N ALA A 69 18.83 17.49 3.84
CA ALA A 69 19.34 17.04 2.55
C ALA A 69 20.75 17.58 2.31
N GLU A 70 21.59 16.78 1.65
CA GLU A 70 22.89 17.30 1.20
C GLU A 70 22.67 18.14 -0.05
N PRO A 71 23.42 19.25 -0.27
CA PRO A 71 23.22 20.10 -1.45
C PRO A 71 23.28 19.44 -2.83
N GLU A 72 24.19 18.45 -3.01
CA GLU A 72 24.40 17.77 -4.30
C GLU A 72 23.33 16.71 -4.54
N PHE A 73 22.55 16.38 -3.50
CA PHE A 73 21.58 15.30 -3.57
C PHE A 73 20.24 15.74 -2.98
N PRO A 74 19.46 16.54 -3.75
CA PRO A 74 18.20 17.09 -3.24
C PRO A 74 17.10 16.05 -3.10
N ILE A 75 16.03 16.43 -2.43
CA ILE A 75 14.99 15.46 -2.13
C ILE A 75 13.67 16.04 -2.65
N VAL A 76 13.20 15.48 -3.77
CA VAL A 76 11.86 15.75 -4.28
C VAL A 76 10.87 15.01 -3.38
N ASP A 77 9.83 15.70 -2.91
CA ASP A 77 8.57 15.02 -2.60
C ASP A 77 7.85 14.80 -3.94
N MET A 78 7.68 13.52 -4.29
CA MET A 78 7.40 13.11 -5.65
C MET A 78 5.89 13.03 -5.93
N LEU A 79 5.05 13.14 -4.89
CA LEU A 79 3.59 13.06 -5.01
C LEU A 79 3.10 14.04 -6.07
N PRO A 80 3.44 15.34 -6.01
CA PRO A 80 3.17 16.24 -7.14
C PRO A 80 3.67 15.84 -8.54
N ASP A 81 4.83 15.19 -8.64
CA ASP A 81 5.39 14.77 -9.92
C ASP A 81 4.70 13.50 -10.42
N ILE A 82 4.28 12.62 -9.49
CA ILE A 82 3.48 11.43 -9.77
C ILE A 82 2.10 11.85 -10.28
N GLY A 83 1.62 11.16 -11.31
CA GLY A 83 0.51 11.65 -12.10
C GLY A 83 0.98 11.96 -13.51
N ILE A 84 2.09 12.73 -13.60
CA ILE A 84 2.84 12.88 -14.84
C ILE A 84 3.37 11.52 -15.27
N ILE A 85 3.99 10.82 -14.33
CA ILE A 85 4.45 9.44 -14.50
C ILE A 85 3.27 8.49 -14.73
N ALA A 86 2.25 8.56 -13.85
CA ALA A 86 1.16 7.59 -13.78
C ALA A 86 0.31 7.56 -15.06
N LYS A 87 0.39 8.64 -15.86
CA LYS A 87 -0.39 8.74 -17.08
C LYS A 87 0.07 7.67 -18.07
N PHE A 88 1.40 7.51 -18.17
CA PHE A 88 2.03 6.52 -19.05
C PHE A 88 1.65 5.10 -18.60
N ALA A 89 1.67 4.87 -17.27
CA ALA A 89 1.35 3.57 -16.71
C ALA A 89 -0.09 3.16 -17.07
N PHE A 90 -1.00 4.12 -16.86
CA PHE A 90 -2.40 3.91 -17.17
C PHE A 90 -2.57 3.54 -18.66
N GLU A 91 -1.94 4.32 -19.55
CA GLU A 91 -2.14 4.10 -20.98
C GLU A 91 -1.70 2.71 -21.39
N ARG A 92 -0.59 2.23 -20.84
CA ARG A 92 -0.08 0.88 -21.20
C ARG A 92 -1.06 -0.20 -20.73
N MET A 93 -1.27 -0.30 -19.42
CA MET A 93 -2.12 -1.39 -18.86
C MET A 93 -3.54 -1.33 -19.45
N HIS A 94 -4.05 -0.13 -19.74
CA HIS A 94 -5.46 -0.04 -20.20
C HIS A 94 -5.60 -0.79 -21.53
N LYS A 95 -4.49 -0.98 -22.24
CA LYS A 95 -4.56 -1.64 -23.57
C LYS A 95 -3.88 -3.02 -23.51
N LEU A 96 -2.76 -3.14 -22.80
CA LEU A 96 -2.04 -4.40 -22.75
C LEU A 96 -2.52 -5.30 -21.61
N THR A 97 -2.52 -6.61 -21.87
CA THR A 97 -2.70 -7.60 -20.82
C THR A 97 -1.50 -7.59 -19.87
N PRO A 98 -1.61 -8.13 -18.64
CA PRO A 98 -0.44 -8.23 -17.76
C PRO A 98 0.75 -8.92 -18.44
N LEU A 99 0.49 -10.01 -19.17
CA LEU A 99 1.59 -10.68 -19.85
C LEU A 99 2.27 -9.74 -20.85
N GLU A 100 1.47 -9.05 -21.67
CA GLU A 100 2.03 -8.14 -22.68
C GLU A 100 2.80 -6.99 -22.02
N LEU A 101 2.29 -6.53 -20.87
CA LEU A 101 2.92 -5.49 -20.07
C LEU A 101 4.34 -5.94 -19.67
N PHE A 102 4.47 -7.19 -19.19
CA PHE A 102 5.75 -7.74 -18.77
C PHE A 102 6.67 -7.94 -19.97
N ARG A 103 6.08 -8.28 -21.13
CA ARG A 103 6.83 -8.42 -22.37
C ARG A 103 7.39 -7.06 -22.80
N HIS A 104 6.50 -6.05 -22.86
CA HIS A 104 6.82 -4.69 -23.28
C HIS A 104 7.86 -4.07 -22.36
N ALA A 105 7.84 -4.43 -21.06
CA ALA A 105 8.77 -3.91 -20.08
C ALA A 105 10.23 -4.28 -20.40
N SER A 106 10.45 -5.38 -21.13
CA SER A 106 11.76 -5.85 -21.56
C SER A 106 12.77 -5.96 -20.42
N GLY A 107 12.37 -6.67 -19.35
CA GLY A 107 13.19 -6.95 -18.17
C GLY A 107 13.43 -5.75 -17.27
N LYS A 108 12.70 -4.65 -17.52
CA LYS A 108 12.73 -3.49 -16.65
C LYS A 108 11.79 -3.73 -15.47
N HIS A 109 12.31 -3.54 -14.25
CA HIS A 109 11.56 -3.83 -13.04
C HIS A 109 10.60 -2.69 -12.72
N THR A 110 9.54 -3.00 -11.97
CA THR A 110 8.50 -1.99 -11.63
C THR A 110 9.09 -0.77 -10.92
N PHE A 111 9.78 -0.95 -9.79
CA PHE A 111 10.25 0.23 -9.01
C PHE A 111 11.78 0.35 -9.00
N ALA A 112 12.43 -0.13 -10.06
CA ALA A 112 13.90 -0.03 -10.13
C ALA A 112 14.31 1.42 -10.42
N GLY A 113 13.60 2.09 -11.31
CA GLY A 113 13.94 3.48 -11.66
C GLY A 113 13.90 4.37 -10.44
N MET A 114 13.32 3.87 -9.35
CA MET A 114 13.18 4.66 -8.14
C MET A 114 14.42 4.56 -7.25
N VAL A 115 15.27 3.56 -7.51
CA VAL A 115 16.39 3.25 -6.64
C VAL A 115 17.42 4.38 -6.74
N ASN A 116 17.80 4.77 -7.96
CA ASN A 116 18.84 5.76 -8.21
C ASN A 116 18.49 7.04 -7.47
N GLY A 117 17.22 7.45 -7.58
CA GLY A 117 16.78 8.73 -7.04
C GLY A 117 16.73 8.75 -5.51
N SER A 118 17.06 7.65 -4.82
CA SER A 118 16.84 7.59 -3.38
C SER A 118 18.06 8.01 -2.57
N LYS A 119 19.17 8.36 -3.24
CA LYS A 119 20.40 8.76 -2.56
C LYS A 119 20.17 9.90 -1.57
N GLY A 120 19.39 10.92 -1.97
CA GLY A 120 19.22 12.11 -1.15
C GLY A 120 18.56 11.79 0.18
N GLU A 121 17.52 10.95 0.12
CA GLU A 121 16.79 10.49 1.30
C GLU A 121 17.72 9.71 2.23
N ASN A 122 18.66 8.96 1.65
CA ASN A 122 19.65 8.20 2.40
C ASN A 122 20.57 9.12 3.21
N TYR A 123 21.13 10.15 2.55
CA TYR A 123 21.98 11.12 3.23
C TYR A 123 21.22 11.79 4.37
N ALA A 124 19.97 12.15 4.11
CA ALA A 124 19.17 12.84 5.11
C ALA A 124 18.98 11.96 6.34
N MET A 125 18.67 10.66 6.13
CA MET A 125 18.40 9.75 7.23
C MET A 125 19.69 9.52 8.03
N MET A 126 20.82 9.41 7.35
CA MET A 126 22.07 9.24 8.12
C MET A 126 22.21 10.42 9.09
N LYS A 127 22.04 11.63 8.59
CA LYS A 127 22.20 12.82 9.42
C LYS A 127 21.18 12.84 10.54
N ILE A 128 19.88 12.55 10.23
CA ILE A 128 18.80 12.57 11.22
C ILE A 128 19.05 11.58 12.35
N VAL A 129 19.41 10.34 11.98
CA VAL A 129 19.64 9.33 13.00
C VAL A 129 20.82 9.73 13.88
N LYS A 130 21.87 10.32 13.28
CA LYS A 130 23.05 10.71 14.04
C LYS A 130 22.69 11.83 15.03
N GLU A 131 21.86 12.78 14.61
CA GLU A 131 21.45 13.91 15.44
C GLU A 131 20.46 13.49 16.54
N TYR A 132 19.44 12.69 16.20
CA TYR A 132 18.37 12.39 17.13
C TYR A 132 18.64 11.18 18.04
N LYS A 133 19.58 10.33 17.62
CA LYS A 133 20.10 9.22 18.43
C LYS A 133 18.97 8.35 18.96
N PRO A 134 18.08 7.82 18.09
CA PRO A 134 16.98 6.99 18.57
C PRO A 134 17.51 5.64 19.04
N ASP A 135 16.69 4.96 19.84
CA ASP A 135 16.97 3.61 20.27
C ASP A 135 16.70 2.60 19.16
N VAL A 136 15.76 2.92 18.28
CA VAL A 136 15.35 2.02 17.21
C VAL A 136 14.69 2.84 16.11
N CYS A 137 14.83 2.34 14.87
CA CYS A 137 14.16 2.92 13.72
C CYS A 137 13.21 1.91 13.12
N LEU A 138 12.08 2.42 12.57
CA LEU A 138 11.26 1.66 11.65
C LEU A 138 11.11 2.43 10.34
N ALA A 139 11.12 1.69 9.24
CA ALA A 139 11.02 2.35 7.95
C ALA A 139 10.21 1.52 6.96
N ASP A 140 9.23 2.16 6.31
CA ASP A 140 8.38 1.53 5.31
C ASP A 140 8.78 1.94 3.89
N TYR A 141 9.60 1.10 3.27
CA TYR A 141 10.08 1.38 1.94
C TYR A 141 9.73 0.23 0.99
N LEU A 142 10.00 0.43 -0.31
CA LEU A 142 9.80 -0.64 -1.26
C LEU A 142 10.99 -1.60 -1.28
N PHE A 143 12.15 -1.14 -0.82
CA PHE A 143 13.41 -1.87 -0.84
C PHE A 143 14.32 -1.34 0.27
N ASN A 144 15.24 -2.18 0.75
CA ASN A 144 16.18 -1.78 1.78
C ASN A 144 17.09 -0.67 1.26
N MET A 145 17.52 0.21 2.18
CA MET A 145 18.35 1.38 1.88
C MET A 145 19.63 1.30 2.70
N PRO A 146 20.77 1.77 2.15
CA PRO A 146 22.05 1.67 2.84
C PRO A 146 22.06 2.19 4.27
N TRP A 147 21.36 3.30 4.55
CA TRP A 147 21.43 3.89 5.89
C TRP A 147 20.98 2.91 6.95
N MET A 148 20.11 1.97 6.55
CA MET A 148 19.51 1.01 7.47
C MET A 148 20.58 0.07 8.04
N PHE A 149 21.72 0.01 7.36
CA PHE A 149 22.83 -0.85 7.75
C PHE A 149 24.02 -0.09 8.32
N THR A 150 24.02 1.25 8.29
CA THR A 150 25.17 2.01 8.77
C THR A 150 24.90 2.76 10.09
N VAL A 151 23.65 3.13 10.34
CA VAL A 151 23.33 3.86 11.56
C VAL A 151 23.58 2.94 12.75
N ASP A 152 23.74 3.51 13.93
CA ASP A 152 24.20 2.80 15.12
C ASP A 152 23.02 2.44 15.99
N CYS A 153 21.95 1.94 15.37
CA CYS A 153 20.85 1.39 16.14
C CYS A 153 20.11 0.38 15.27
N PRO A 154 19.32 -0.53 15.90
CA PRO A 154 18.57 -1.51 15.14
C PRO A 154 17.53 -0.80 14.27
N VAL A 155 17.32 -1.32 13.06
CA VAL A 155 16.34 -0.82 12.12
C VAL A 155 15.41 -1.96 11.69
N ILE A 156 14.10 -1.70 11.80
CA ILE A 156 13.06 -2.65 11.44
C ILE A 156 12.37 -2.23 10.14
N PRO A 157 12.48 -3.00 9.03
CA PRO A 157 11.69 -2.70 7.84
C PRO A 157 10.23 -2.99 8.14
N VAL A 158 9.37 -2.04 7.75
CA VAL A 158 7.93 -2.22 7.77
C VAL A 158 7.46 -2.39 6.33
N LYS A 159 6.73 -3.47 6.06
CA LYS A 159 6.16 -3.70 4.74
C LYS A 159 4.65 -3.58 4.80
N SER A 160 4.05 -2.76 3.92
CA SER A 160 2.60 -2.69 3.83
C SER A 160 2.09 -3.13 2.46
N VAL A 161 2.98 -3.31 1.47
CA VAL A 161 2.60 -3.90 0.19
C VAL A 161 2.25 -5.38 0.38
N ASN A 162 1.60 -5.93 -0.66
CA ASN A 162 1.25 -7.37 -0.66
C ASN A 162 2.51 -8.17 -0.34
N PRO A 163 2.46 -9.08 0.64
CA PRO A 163 3.67 -9.78 1.09
C PRO A 163 4.05 -11.09 0.40
N ILE A 164 3.52 -11.34 -0.80
CA ILE A 164 3.93 -12.55 -1.52
C ILE A 164 5.44 -12.58 -1.77
N GLU A 165 6.06 -11.40 -1.85
CA GLU A 165 7.48 -11.22 -2.04
C GLU A 165 8.29 -11.82 -0.90
N LEU A 166 7.66 -12.04 0.26
CA LEU A 166 8.37 -12.63 1.39
C LEU A 166 8.39 -14.15 1.34
N TYR A 167 7.78 -14.77 0.32
CA TYR A 167 7.63 -16.21 0.23
C TYR A 167 8.36 -16.70 -1.00
N ASN A 168 8.55 -18.04 -1.07
CA ASN A 168 9.37 -18.65 -2.10
C ASN A 168 8.55 -19.14 -3.28
N GLY A 169 7.23 -18.88 -3.26
CA GLY A 169 6.36 -19.31 -4.34
C GLY A 169 6.36 -18.38 -5.55
N PRO A 170 5.16 -17.97 -6.04
CA PRO A 170 5.05 -17.23 -7.30
C PRO A 170 5.69 -15.84 -7.15
N PRO A 171 6.35 -15.31 -8.22
CA PRO A 171 6.98 -13.99 -8.19
C PRO A 171 5.97 -12.90 -7.86
N ALA A 172 6.41 -11.86 -7.15
CA ALA A 172 5.55 -10.72 -6.85
C ALA A 172 5.35 -9.85 -8.09
N LEU A 173 4.26 -9.05 -8.03
CA LEU A 173 3.91 -8.03 -9.01
C LEU A 173 3.28 -8.62 -10.28
N THR A 174 3.14 -9.95 -10.41
CA THR A 174 2.59 -10.53 -11.61
C THR A 174 1.07 -10.74 -11.54
N GLY A 175 0.53 -10.76 -10.32
CA GLY A 175 -0.89 -11.02 -10.11
C GLY A 175 -1.35 -12.45 -10.38
N CYS A 176 -0.44 -13.42 -10.27
CA CYS A 176 -0.76 -14.81 -10.53
C CYS A 176 -1.85 -15.30 -9.57
N SER A 177 -2.73 -16.15 -10.09
CA SER A 177 -3.81 -16.79 -9.36
C SER A 177 -3.39 -18.17 -8.91
N ILE A 178 -3.93 -18.60 -7.76
CA ILE A 178 -3.76 -19.96 -7.29
C ILE A 178 -4.27 -20.96 -8.34
N HIS A 179 -5.17 -20.52 -9.23
CA HIS A 179 -5.73 -21.37 -10.27
C HIS A 179 -4.94 -21.38 -11.59
N ASP A 180 -3.88 -20.58 -11.72
CA ASP A 180 -3.14 -20.53 -12.99
C ASP A 180 -2.29 -21.80 -13.14
N PRO A 181 -2.48 -22.64 -14.19
CA PRO A 181 -1.69 -23.86 -14.28
C PRO A 181 -0.25 -23.59 -14.70
N PRO A 182 0.60 -24.62 -14.53
CA PRO A 182 2.03 -24.53 -14.84
C PRO A 182 2.36 -23.82 -16.15
N SER A 183 1.69 -24.23 -17.25
CA SER A 183 1.99 -23.75 -18.60
C SER A 183 1.78 -22.24 -18.72
N VAL A 184 0.83 -21.73 -17.93
CA VAL A 184 0.39 -20.34 -18.00
C VAL A 184 1.38 -19.44 -17.25
N ARG A 185 1.86 -19.91 -16.09
CA ARG A 185 2.75 -19.05 -15.25
C ARG A 185 4.20 -19.17 -15.70
N GLU A 186 4.57 -20.27 -16.35
CA GLU A 186 5.95 -20.50 -16.74
C GLU A 186 6.56 -19.23 -17.34
N GLU A 187 5.90 -18.63 -18.34
CA GLU A 187 6.49 -17.50 -19.06
C GLU A 187 6.53 -16.24 -18.20
N ILE A 188 5.40 -15.93 -17.53
CA ILE A 188 5.35 -14.74 -16.70
C ILE A 188 6.35 -14.87 -15.54
N GLU A 189 6.55 -16.09 -15.03
CA GLU A 189 7.51 -16.27 -13.95
C GLU A 189 8.95 -16.11 -14.45
N GLN A 190 9.27 -16.48 -15.70
CA GLN A 190 10.57 -16.23 -16.31
C GLN A 190 10.87 -14.73 -16.43
N LEU A 191 9.85 -13.98 -16.90
CA LEU A 191 9.96 -12.53 -17.06
C LEU A 191 10.10 -11.83 -15.72
N ALA A 192 9.32 -12.28 -14.73
CA ALA A 192 9.41 -11.73 -13.38
C ALA A 192 10.79 -11.95 -12.79
N ARG A 193 11.35 -13.17 -12.92
CA ARG A 193 12.67 -13.49 -12.40
C ARG A 193 13.73 -12.64 -13.12
N LYS A 194 13.57 -12.44 -14.44
CA LYS A 194 14.51 -11.61 -15.19
C LYS A 194 14.52 -10.18 -14.67
N SER A 195 13.34 -9.59 -14.45
CA SER A 195 13.28 -8.21 -13.99
C SER A 195 13.76 -8.08 -12.55
N GLU A 196 13.63 -9.13 -11.72
CA GLU A 196 14.18 -9.11 -10.37
C GLU A 196 15.68 -8.84 -10.37
N LEU A 197 16.38 -9.33 -11.41
CA LEU A 197 17.82 -9.11 -11.54
C LEU A 197 18.19 -7.65 -11.76
N GLU A 198 17.29 -6.89 -12.42
CA GLU A 198 17.43 -5.46 -12.60
C GLU A 198 17.33 -4.75 -11.25
N LEU A 199 16.41 -5.18 -10.37
CA LEU A 199 16.30 -4.58 -9.06
C LEU A 199 17.60 -4.78 -8.28
N GLU A 200 18.18 -5.99 -8.36
CA GLU A 200 19.41 -6.31 -7.64
C GLU A 200 20.57 -5.45 -8.16
N SER A 201 20.67 -5.32 -9.48
CA SER A 201 21.77 -4.56 -10.07
C SER A 201 21.63 -3.07 -9.74
N GLU A 202 20.40 -2.54 -9.70
CA GLU A 202 20.16 -1.14 -9.32
C GLU A 202 20.53 -0.92 -7.87
N LEU A 203 20.15 -1.84 -6.97
CA LEU A 203 20.49 -1.72 -5.55
C LEU A 203 22.00 -1.81 -5.35
N GLU A 204 22.69 -2.63 -6.16
CA GLU A 204 24.14 -2.73 -6.10
C GLU A 204 24.78 -1.35 -6.27
N LYS A 205 24.27 -0.55 -7.21
CA LYS A 205 24.83 0.77 -7.51
C LYS A 205 24.60 1.72 -6.33
N LEU A 206 23.42 1.64 -5.73
CA LEU A 206 23.04 2.51 -4.63
C LEU A 206 23.89 2.16 -3.41
N PHE A 207 23.96 0.88 -3.07
CA PHE A 207 24.74 0.46 -1.92
C PHE A 207 26.21 0.76 -2.18
N ALA A 208 26.70 0.55 -3.41
CA ALA A 208 28.11 0.80 -3.68
C ALA A 208 28.43 2.28 -3.47
N HIS A 209 27.53 3.16 -3.93
CA HIS A 209 27.70 4.58 -3.70
C HIS A 209 28.03 4.89 -2.23
N PHE A 210 27.31 4.28 -1.28
CA PHE A 210 27.41 4.57 0.13
C PHE A 210 28.40 3.63 0.83
N ASN A 211 29.10 2.79 0.05
CA ASN A 211 30.10 1.85 0.52
C ASN A 211 29.54 0.92 1.59
N VAL A 212 28.34 0.40 1.38
CA VAL A 212 27.71 -0.53 2.30
C VAL A 212 27.52 -1.86 1.58
N PRO A 213 27.84 -3.00 2.24
CA PRO A 213 27.65 -4.32 1.62
C PRO A 213 26.18 -4.54 1.25
N LEU A 214 25.94 -5.03 0.01
CA LEU A 214 24.59 -5.20 -0.51
C LEU A 214 23.85 -6.29 0.26
N VAL A 215 22.54 -6.10 0.50
CA VAL A 215 21.69 -7.11 1.12
C VAL A 215 20.51 -7.33 0.19
N SER A 216 19.71 -8.36 0.48
CA SER A 216 18.50 -8.56 -0.30
C SER A 216 17.59 -7.35 -0.09
N TYR A 217 16.77 -7.03 -1.09
CA TYR A 217 15.91 -5.86 -1.02
C TYR A 217 14.88 -5.99 0.10
N ASN A 218 14.61 -7.22 0.55
CA ASN A 218 13.65 -7.42 1.64
C ASN A 218 14.19 -8.27 2.79
N TYR A 219 15.52 -8.25 2.97
CA TYR A 219 16.18 -8.79 4.14
C TYR A 219 15.77 -8.01 5.36
N ALA A 220 15.49 -8.74 6.45
CA ALA A 220 15.28 -8.20 7.78
C ALA A 220 16.39 -8.74 8.68
N GLN A 221 17.27 -7.84 9.16
CA GLN A 221 18.46 -8.24 9.91
C GLN A 221 18.09 -8.93 11.21
N GLN A 222 17.10 -8.35 11.92
CA GLN A 222 16.74 -8.83 13.24
C GLN A 222 15.23 -9.03 13.32
N LEU A 223 14.52 -8.12 12.69
CA LEU A 223 13.08 -8.08 12.80
C LEU A 223 12.53 -7.23 11.67
N GLY A 224 11.50 -7.77 11.01
CA GLY A 224 10.75 -7.06 9.99
C GLY A 224 9.27 -7.27 10.28
N ILE A 225 8.47 -6.25 9.99
CA ILE A 225 7.04 -6.33 10.27
C ILE A 225 6.32 -6.15 8.96
N TYR A 226 5.51 -7.14 8.55
CA TYR A 226 4.64 -6.97 7.39
C TYR A 226 3.20 -6.86 7.85
N ILE A 227 2.47 -5.92 7.27
CA ILE A 227 1.09 -5.68 7.66
C ILE A 227 0.17 -6.28 6.59
N TYR A 228 -0.52 -7.34 6.97
CA TYR A 228 -1.42 -8.01 6.04
C TYR A 228 -2.35 -8.91 6.83
N PRO A 229 -3.65 -8.99 6.51
CA PRO A 229 -4.57 -9.77 7.35
C PRO A 229 -4.20 -11.25 7.34
N GLY A 230 -4.08 -11.85 8.52
CA GLY A 230 -3.78 -13.27 8.63
C GLY A 230 -4.67 -14.12 7.71
N PRO A 231 -6.01 -13.96 7.66
CA PRO A 231 -6.84 -14.72 6.73
C PRO A 231 -6.50 -14.64 5.24
N LEU A 232 -5.69 -13.66 4.82
CA LEU A 232 -5.32 -13.52 3.42
C LEU A 232 -3.85 -13.87 3.19
N ASP A 233 -3.11 -14.09 4.28
CA ASP A 233 -1.68 -14.36 4.21
C ASP A 233 -1.43 -15.70 3.50
N TYR A 234 -0.22 -15.86 2.95
CA TYR A 234 0.06 -16.91 1.98
C TYR A 234 0.49 -18.20 2.69
N LYS A 235 -0.39 -18.73 3.55
CA LYS A 235 -0.12 -19.90 4.37
C LYS A 235 0.15 -21.11 3.47
N GLU A 236 -0.40 -21.09 2.25
CA GLU A 236 -0.18 -22.21 1.32
C GLU A 236 1.22 -22.20 0.71
N LEU A 237 2.01 -21.16 1.00
CA LEU A 237 3.40 -21.06 0.55
C LEU A 237 4.38 -21.33 1.70
N GLY A 238 3.88 -21.79 2.85
CA GLY A 238 4.71 -22.02 4.01
C GLY A 238 4.86 -20.76 4.85
N SER A 239 6.11 -20.44 5.21
CA SER A 239 6.40 -19.35 6.12
C SER A 239 7.11 -18.23 5.38
N PRO A 240 6.97 -16.97 5.84
CA PRO A 240 7.70 -15.88 5.20
C PRO A 240 9.20 -15.99 5.50
N LYS A 241 9.99 -15.18 4.79
CA LYS A 241 11.43 -15.04 4.96
C LYS A 241 11.82 -14.82 6.42
N GLU A 242 13.08 -15.16 6.76
CA GLU A 242 13.61 -15.06 8.12
C GLU A 242 13.36 -13.68 8.75
N ASN A 243 12.83 -13.70 9.98
CA ASN A 243 12.73 -12.56 10.90
C ASN A 243 11.56 -11.62 10.57
N TRP A 244 10.62 -12.09 9.73
CA TRP A 244 9.50 -11.27 9.30
C TRP A 244 8.36 -11.78 10.16
N VAL A 245 7.64 -10.83 10.76
CA VAL A 245 6.49 -11.10 11.63
C VAL A 245 5.27 -10.34 11.09
N ARG A 246 4.10 -10.99 11.11
CA ARG A 246 2.86 -10.39 10.60
C ARG A 246 2.17 -9.53 11.67
N LEU A 247 1.85 -8.29 11.29
CA LEU A 247 0.82 -7.48 11.94
C LEU A 247 -0.45 -7.55 11.10
N ASP A 248 -1.54 -8.09 11.67
CA ASP A 248 -2.76 -8.33 10.91
C ASP A 248 -3.36 -7.07 10.29
N SER A 249 -3.39 -5.96 11.03
CA SER A 249 -3.75 -4.69 10.42
C SER A 249 -2.97 -3.55 11.05
N SER A 250 -3.02 -2.42 10.37
CA SER A 250 -2.45 -1.19 10.89
C SER A 250 -3.39 -0.10 10.42
N ILE A 251 -4.20 0.41 11.36
CA ILE A 251 -5.20 1.40 11.01
C ILE A 251 -4.92 2.60 11.91
N ARG A 252 -4.61 3.76 11.32
CA ARG A 252 -4.14 4.91 12.09
C ARG A 252 -5.10 5.22 13.24
N SER A 253 -6.37 5.47 12.89
CA SER A 253 -7.46 5.73 13.82
C SER A 253 -7.24 7.04 14.58
N SER A 257 -15.07 9.53 16.28
CA SER A 257 -15.16 10.20 14.95
C SER A 257 -16.38 9.70 14.19
N ASN A 258 -17.06 10.63 13.52
CA ASN A 258 -18.36 10.34 12.95
C ASN A 258 -18.54 11.08 11.63
N PHE A 259 -19.18 10.43 10.65
CA PHE A 259 -19.30 10.87 9.26
C PHE A 259 -20.76 11.07 8.87
N GLU A 260 -21.07 12.17 8.17
CA GLU A 260 -22.44 12.42 7.70
C GLU A 260 -22.49 12.39 6.18
N LEU A 261 -23.62 11.88 5.67
CA LEU A 261 -23.81 11.52 4.27
C LEU A 261 -24.28 12.74 3.50
N PRO A 262 -23.72 12.99 2.28
CA PRO A 262 -24.10 14.16 1.50
C PRO A 262 -25.59 14.13 1.14
N GLU A 263 -26.22 15.29 1.22
CA GLU A 263 -27.67 15.37 1.11
C GLU A 263 -28.13 14.96 -0.28
N LYS A 264 -27.28 15.17 -1.29
CA LYS A 264 -27.44 14.68 -2.66
C LYS A 264 -27.93 13.23 -2.69
N LEU A 265 -27.37 12.39 -1.82
CA LEU A 265 -27.58 10.96 -1.86
C LEU A 265 -28.72 10.52 -0.94
N LYS A 266 -29.14 11.38 -0.01
CA LYS A 266 -30.34 11.14 0.78
C LYS A 266 -31.56 11.08 -0.14
N ASP A 267 -32.38 10.04 0.06
CA ASP A 267 -33.60 9.79 -0.71
C ASP A 267 -33.30 9.67 -2.21
N LYS A 268 -32.27 8.87 -2.54
CA LYS A 268 -32.00 8.32 -3.85
C LYS A 268 -31.99 6.80 -3.74
N PRO A 269 -32.36 6.05 -4.81
CA PRO A 269 -32.42 4.59 -4.73
C PRO A 269 -31.06 3.87 -4.73
N GLY A 270 -31.04 2.68 -4.12
CA GLY A 270 -29.90 1.79 -4.26
C GLY A 270 -29.04 1.77 -3.02
N LYS A 271 -27.99 0.94 -3.10
CA LYS A 271 -26.99 0.79 -2.05
C LYS A 271 -25.99 1.94 -2.16
N LEU A 272 -25.12 2.01 -1.15
CA LEU A 272 -24.08 3.02 -1.09
C LEU A 272 -22.74 2.38 -1.41
N ILE A 273 -22.05 2.93 -2.41
CA ILE A 273 -20.82 2.35 -2.89
C ILE A 273 -19.74 3.43 -2.88
N TYR A 274 -18.59 3.03 -2.35
CA TYR A 274 -17.43 3.89 -2.32
C TYR A 274 -16.50 3.54 -3.48
N VAL A 275 -16.05 4.58 -4.18
CA VAL A 275 -15.11 4.44 -5.28
C VAL A 275 -13.85 5.25 -4.95
N SER A 276 -12.71 4.57 -4.91
CA SER A 276 -11.43 5.23 -4.73
C SER A 276 -10.36 4.46 -5.48
N MET A 277 -9.60 5.22 -6.29
CA MET A 277 -8.48 4.66 -7.03
C MET A 277 -7.15 4.98 -6.35
N GLY A 278 -7.17 5.38 -5.08
CA GLY A 278 -5.97 5.45 -4.27
C GLY A 278 -5.47 6.88 -4.08
N SER A 279 -4.29 7.00 -3.47
CA SER A 279 -3.58 8.27 -3.45
C SER A 279 -2.80 8.51 -4.75
N LEU A 280 -2.09 7.50 -5.25
CA LEU A 280 -1.21 7.71 -6.40
C LEU A 280 -2.02 7.80 -7.69
N ALA A 281 -2.83 6.75 -7.95
CA ALA A 281 -3.39 6.54 -9.28
C ALA A 281 -4.54 7.50 -9.58
N SER A 282 -5.18 8.06 -8.53
CA SER A 282 -6.30 8.98 -8.68
C SER A 282 -5.91 10.29 -9.35
N ALA A 283 -4.62 10.64 -9.35
CA ALA A 283 -4.01 11.73 -10.09
C ALA A 283 -4.40 11.70 -11.57
N VAL A 284 -4.59 10.48 -12.08
CA VAL A 284 -4.84 10.24 -13.49
C VAL A 284 -6.35 10.34 -13.72
N THR A 285 -6.74 11.48 -14.29
CA THR A 285 -8.16 11.82 -14.46
C THR A 285 -8.86 10.88 -15.43
N GLU A 286 -8.16 10.44 -16.48
CA GLU A 286 -8.78 9.56 -17.50
C GLU A 286 -9.26 8.27 -16.84
N LEU A 287 -8.52 7.78 -15.86
CA LEU A 287 -8.86 6.55 -15.17
C LEU A 287 -10.21 6.71 -14.48
N LEU A 288 -10.39 7.74 -13.66
CA LEU A 288 -11.65 7.95 -12.98
C LEU A 288 -12.78 8.22 -13.96
N THR A 289 -12.50 8.97 -15.04
CA THR A 289 -13.54 9.26 -16.01
C THR A 289 -14.05 7.96 -16.62
N MET A 290 -13.11 7.10 -17.04
CA MET A 290 -13.43 5.80 -17.61
C MET A 290 -14.32 4.98 -16.68
N ILE A 291 -14.04 5.03 -15.36
CA ILE A 291 -14.79 4.23 -14.42
C ILE A 291 -16.16 4.84 -14.10
N LEU A 292 -16.24 6.15 -13.95
CA LEU A 292 -17.47 6.78 -13.48
C LEU A 292 -18.53 6.87 -14.56
N THR A 293 -18.08 7.03 -15.81
CA THR A 293 -19.00 7.19 -16.91
C THR A 293 -20.11 6.15 -16.83
N PRO A 294 -19.79 4.82 -16.89
CA PRO A 294 -20.83 3.80 -16.84
C PRO A 294 -21.67 3.78 -15.57
N LEU A 295 -21.05 4.24 -14.46
CA LEU A 295 -21.73 4.19 -13.18
C LEU A 295 -22.90 5.18 -13.11
N ALA A 296 -22.95 6.16 -14.03
CA ALA A 296 -24.12 7.05 -14.12
C ALA A 296 -25.41 6.24 -14.22
N ASN A 297 -25.35 5.06 -14.88
CA ASN A 297 -26.50 4.21 -15.11
C ASN A 297 -26.64 3.06 -14.09
N SER A 298 -25.74 2.96 -13.11
CA SER A 298 -25.91 2.00 -12.04
C SER A 298 -26.92 2.52 -11.04
N PRO A 299 -27.98 1.76 -10.69
CA PRO A 299 -29.01 2.24 -9.75
C PRO A 299 -28.58 2.21 -8.29
N HIS A 300 -27.54 2.96 -7.97
CA HIS A 300 -26.96 2.99 -6.64
C HIS A 300 -26.44 4.40 -6.40
N ARG A 301 -26.02 4.65 -5.17
CA ARG A 301 -25.47 5.93 -4.73
C ARG A 301 -23.97 5.79 -4.53
N PHE A 302 -23.19 6.67 -5.15
CA PHE A 302 -21.74 6.54 -5.11
C PHE A 302 -21.11 7.73 -4.39
N ILE A 303 -20.22 7.43 -3.42
CA ILE A 303 -19.29 8.40 -2.83
C ILE A 303 -17.93 8.18 -3.49
N VAL A 304 -17.37 9.24 -4.07
CA VAL A 304 -16.17 9.12 -4.88
C VAL A 304 -15.02 9.98 -4.32
N SER A 305 -13.85 9.36 -4.14
CA SER A 305 -12.63 10.08 -3.88
C SER A 305 -12.08 10.53 -5.23
N THR A 306 -12.14 11.84 -5.52
CA THR A 306 -11.92 12.28 -6.89
C THR A 306 -10.46 12.66 -7.12
N GLY A 307 -9.63 12.64 -6.07
CA GLY A 307 -8.19 12.84 -6.20
C GLY A 307 -7.77 14.31 -6.34
N PRO A 308 -6.45 14.57 -6.52
CA PRO A 308 -5.89 15.91 -6.67
C PRO A 308 -6.48 16.74 -7.78
N ASN A 309 -6.85 16.10 -8.89
CA ASN A 309 -7.42 16.80 -10.04
C ASN A 309 -8.94 16.62 -10.06
N GLY A 310 -9.52 16.42 -8.86
CA GLY A 310 -10.90 16.04 -8.65
C GLY A 310 -11.94 17.03 -9.20
N ASP A 311 -11.60 18.33 -9.22
CA ASP A 311 -12.54 19.39 -9.55
C ASP A 311 -13.02 19.30 -10.99
N SER A 312 -12.17 18.77 -11.88
CA SER A 312 -12.51 18.68 -13.29
C SER A 312 -13.07 17.30 -13.65
N ILE A 313 -13.33 16.44 -12.66
CA ILE A 313 -14.02 15.19 -12.91
C ILE A 313 -15.53 15.44 -12.85
N LYS A 314 -16.23 15.05 -13.91
CA LYS A 314 -17.68 15.15 -14.00
C LYS A 314 -18.36 14.09 -13.13
N LEU A 315 -19.24 14.52 -12.24
CA LEU A 315 -20.04 13.60 -11.44
C LEU A 315 -21.51 13.64 -11.85
N TYR A 316 -22.17 12.49 -11.78
CA TYR A 316 -23.56 12.36 -12.16
C TYR A 316 -24.46 12.52 -10.93
N ASP A 317 -25.78 12.43 -11.17
CA ASP A 317 -26.81 12.72 -10.20
C ASP A 317 -26.75 11.79 -9.00
N ASN A 318 -26.19 10.60 -9.24
CA ASN A 318 -26.13 9.54 -8.24
C ASN A 318 -24.76 9.53 -7.57
N MET A 319 -23.99 10.63 -7.69
CA MET A 319 -22.60 10.67 -7.21
C MET A 319 -22.29 11.95 -6.42
N TRP A 320 -21.56 11.77 -5.32
CA TRP A 320 -20.97 12.88 -4.59
C TRP A 320 -19.50 12.55 -4.36
N GLY A 321 -18.66 13.55 -4.60
CA GLY A 321 -17.23 13.34 -4.55
C GLY A 321 -16.54 14.52 -3.89
N ASP A 322 -15.36 14.25 -3.36
CA ASP A 322 -14.43 15.31 -3.00
C ASP A 322 -13.02 14.80 -3.26
N LYS A 323 -12.08 15.74 -3.32
CA LYS A 323 -10.67 15.45 -3.59
C LYS A 323 -10.17 14.41 -2.59
N PHE A 324 -10.41 14.67 -1.32
CA PHE A 324 -9.95 13.77 -0.29
C PHE A 324 -11.12 13.45 0.63
N ILE A 325 -11.40 12.16 0.79
CA ILE A 325 -12.49 11.71 1.63
C ILE A 325 -11.95 11.07 2.90
N ASN A 326 -12.78 11.06 3.94
CA ASN A 326 -12.44 10.38 5.17
C ASN A 326 -12.77 8.88 5.08
N GLN A 327 -11.84 8.07 4.58
CA GLN A 327 -12.10 6.70 4.13
C GLN A 327 -12.49 5.77 5.28
N VAL A 328 -11.78 5.90 6.40
CA VAL A 328 -11.99 5.05 7.56
C VAL A 328 -13.35 5.32 8.23
N ALA A 329 -13.76 6.61 8.28
CA ALA A 329 -15.08 7.00 8.80
C ALA A 329 -16.19 6.48 7.89
N LEU A 330 -15.93 6.50 6.57
CA LEU A 330 -16.94 6.23 5.55
C LEU A 330 -17.22 4.73 5.45
N LEU A 331 -16.16 3.91 5.46
CA LEU A 331 -16.31 2.52 5.07
C LEU A 331 -17.41 1.77 5.83
N PRO A 332 -17.58 1.91 7.17
CA PRO A 332 -18.65 1.23 7.91
C PRO A 332 -20.05 1.49 7.36
N LYS A 333 -20.20 2.60 6.63
CA LYS A 333 -21.51 3.06 6.18
C LYS A 333 -21.85 2.64 4.74
N VAL A 334 -20.87 2.11 3.97
CA VAL A 334 -21.12 1.66 2.60
C VAL A 334 -21.46 0.17 2.52
N ASP A 335 -21.78 -0.30 1.31
CA ASP A 335 -22.13 -1.70 1.05
C ASP A 335 -21.10 -2.38 0.14
N LEU A 336 -20.23 -1.60 -0.49
CA LEU A 336 -19.29 -2.12 -1.47
C LEU A 336 -18.18 -1.10 -1.70
N PHE A 337 -16.96 -1.59 -1.97
CA PHE A 337 -15.80 -0.75 -2.17
C PHE A 337 -15.14 -1.10 -3.50
N ILE A 338 -15.21 -0.17 -4.45
CA ILE A 338 -14.53 -0.29 -5.73
C ILE A 338 -13.18 0.38 -5.57
N THR A 339 -12.12 -0.41 -5.73
CA THR A 339 -10.79 -0.04 -5.29
C THR A 339 -9.78 -0.35 -6.38
N HIS A 340 -8.64 0.33 -6.31
CA HIS A 340 -7.48 0.00 -7.12
C HIS A 340 -6.77 -1.26 -6.60
N GLY A 341 -7.01 -1.65 -5.32
CA GLY A 341 -6.43 -2.82 -4.66
C GLY A 341 -5.13 -2.52 -3.92
N GLY A 342 -4.95 -1.28 -3.48
CA GLY A 342 -3.87 -0.94 -2.57
C GLY A 342 -4.04 -1.69 -1.24
N SER A 343 -2.94 -2.00 -0.55
CA SER A 343 -2.98 -2.81 0.65
C SER A 343 -3.79 -2.17 1.78
N ASN A 344 -3.57 -0.88 1.99
CA ASN A 344 -4.24 -0.17 3.06
C ASN A 344 -5.75 -0.19 2.86
N SER A 345 -6.14 0.07 1.60
CA SER A 345 -7.56 0.13 1.26
C SER A 345 -8.19 -1.22 1.51
N LEU A 346 -7.49 -2.28 1.09
CA LEU A 346 -7.90 -3.67 1.28
C LEU A 346 -8.11 -3.96 2.76
N ILE A 347 -7.15 -3.57 3.61
CA ILE A 347 -7.26 -3.84 5.03
C ILE A 347 -8.41 -3.05 5.66
N GLU A 348 -8.58 -1.78 5.25
CA GLU A 348 -9.65 -0.94 5.77
C GLU A 348 -11.02 -1.47 5.35
N GLY A 349 -11.14 -1.88 4.08
CA GLY A 349 -12.39 -2.43 3.55
C GLY A 349 -12.82 -3.71 4.24
N LEU A 350 -11.85 -4.63 4.44
CA LEU A 350 -12.13 -5.89 5.10
C LEU A 350 -12.36 -5.70 6.59
N THR A 351 -11.66 -4.76 7.23
CA THR A 351 -11.94 -4.50 8.63
C THR A 351 -13.41 -4.11 8.80
N ALA A 352 -13.91 -3.28 7.87
CA ALA A 352 -15.29 -2.79 7.87
C ALA A 352 -16.29 -3.84 7.38
N GLY A 353 -15.79 -4.96 6.81
CA GLY A 353 -16.65 -6.04 6.38
C GLY A 353 -17.40 -5.72 5.09
N LYS A 354 -16.68 -5.07 4.17
CA LYS A 354 -17.30 -4.74 2.88
C LYS A 354 -16.60 -5.52 1.78
N PRO A 355 -17.38 -6.06 0.81
CA PRO A 355 -16.78 -6.70 -0.36
C PRO A 355 -16.13 -5.70 -1.31
N LEU A 356 -15.24 -6.24 -2.16
CA LEU A 356 -14.36 -5.40 -2.95
C LEU A 356 -14.48 -5.72 -4.44
N ILE A 357 -14.48 -4.68 -5.28
CA ILE A 357 -14.20 -4.87 -6.69
C ILE A 357 -12.90 -4.14 -6.94
N ALA A 358 -11.88 -4.91 -7.30
CA ALA A 358 -10.55 -4.34 -7.46
C ALA A 358 -10.21 -4.24 -8.94
N ILE A 359 -9.77 -3.05 -9.31
CA ILE A 359 -9.31 -2.73 -10.65
C ILE A 359 -7.83 -2.35 -10.55
N PRO A 360 -6.91 -3.35 -10.61
CA PRO A 360 -5.49 -3.07 -10.36
C PRO A 360 -4.86 -2.24 -11.49
N GLN A 361 -3.95 -1.36 -11.07
CA GLN A 361 -3.28 -0.41 -11.95
C GLN A 361 -1.82 -0.83 -12.05
N PHE A 362 -1.13 -0.95 -10.91
CA PHE A 362 0.29 -1.24 -11.00
C PHE A 362 0.80 -1.94 -9.75
N GLY A 363 1.98 -2.56 -9.93
CA GLY A 363 2.75 -3.12 -8.84
C GLY A 363 1.95 -4.15 -8.05
N ASP A 364 2.03 -4.07 -6.72
CA ASP A 364 1.52 -5.07 -5.79
C ASP A 364 -0.01 -5.13 -5.83
N GLN A 365 -0.65 -4.08 -6.36
CA GLN A 365 -2.11 -4.10 -6.47
C GLN A 365 -2.60 -5.32 -7.26
N LEU A 366 -1.84 -5.75 -8.28
CA LEU A 366 -2.24 -6.91 -9.06
C LEU A 366 -2.32 -8.15 -8.18
N ASP A 367 -1.34 -8.31 -7.26
CA ASP A 367 -1.31 -9.41 -6.30
C ASP A 367 -2.50 -9.36 -5.34
N ASN A 368 -2.84 -8.15 -4.86
CA ASN A 368 -3.95 -7.96 -3.92
C ASN A 368 -5.28 -8.23 -4.61
N ALA A 369 -5.43 -7.70 -5.84
CA ALA A 369 -6.66 -7.88 -6.62
C ALA A 369 -6.91 -9.37 -6.83
N GLN A 370 -5.87 -10.13 -7.19
CA GLN A 370 -6.06 -11.54 -7.46
C GLN A 370 -6.35 -12.28 -6.16
N ARG A 371 -5.79 -11.84 -5.04
CA ARG A 371 -6.00 -12.52 -3.78
C ARG A 371 -7.46 -12.35 -3.31
N ILE A 372 -8.02 -11.17 -3.55
CA ILE A 372 -9.43 -10.90 -3.28
C ILE A 372 -10.30 -11.88 -4.06
N ALA A 373 -9.97 -12.10 -5.34
CA ALA A 373 -10.76 -12.97 -6.19
C ALA A 373 -10.59 -14.40 -5.68
N ASP A 374 -9.33 -14.81 -5.50
CA ASP A 374 -8.95 -16.17 -5.13
C ASP A 374 -9.67 -16.60 -3.85
N LEU A 375 -9.85 -15.67 -2.91
CA LEU A 375 -10.39 -16.06 -1.61
C LEU A 375 -11.86 -15.69 -1.47
N GLY A 376 -12.50 -15.25 -2.56
CA GLY A 376 -13.94 -15.06 -2.59
C GLY A 376 -14.37 -13.87 -1.74
N LEU A 377 -13.58 -12.79 -1.79
CA LEU A 377 -13.85 -11.57 -1.05
C LEU A 377 -14.32 -10.44 -1.96
N GLY A 378 -14.54 -10.77 -3.25
CA GLY A 378 -14.93 -9.80 -4.26
C GLY A 378 -14.53 -10.28 -5.65
N VAL A 379 -14.41 -9.36 -6.62
CA VAL A 379 -13.96 -9.65 -7.96
C VAL A 379 -12.82 -8.72 -8.39
N ARG A 380 -11.95 -9.24 -9.28
CA ARG A 380 -10.98 -8.46 -10.02
C ARG A 380 -11.54 -8.13 -11.41
N LEU A 381 -11.40 -6.86 -11.82
CA LEU A 381 -11.68 -6.43 -13.18
C LEU A 381 -10.39 -5.87 -13.79
N ASN A 382 -10.06 -6.28 -15.00
CA ASN A 382 -8.84 -5.72 -15.55
C ASN A 382 -9.14 -4.61 -16.54
N LEU A 383 -8.31 -3.57 -16.51
CA LEU A 383 -8.41 -2.43 -17.40
C LEU A 383 -8.51 -2.87 -18.87
N HIS A 384 -7.67 -3.80 -19.29
CA HIS A 384 -7.50 -4.10 -20.71
C HIS A 384 -8.76 -4.69 -21.34
N GLU A 385 -9.66 -5.29 -20.54
CA GLU A 385 -10.90 -5.86 -21.02
C GLU A 385 -12.12 -5.19 -20.38
N PHE A 386 -11.92 -3.98 -19.85
CA PHE A 386 -12.97 -3.24 -19.15
C PHE A 386 -14.10 -2.89 -20.11
N SER A 387 -15.34 -3.05 -19.63
CA SER A 387 -16.48 -2.44 -20.30
C SER A 387 -17.45 -1.94 -19.24
N GLY A 388 -18.31 -0.97 -19.58
CA GLY A 388 -19.32 -0.49 -18.66
C GLY A 388 -20.34 -1.58 -18.33
N GLU A 389 -20.64 -2.43 -19.33
CA GLU A 389 -21.54 -3.56 -19.16
C GLU A 389 -21.00 -4.50 -18.07
N LYS A 390 -19.69 -4.81 -18.18
CA LYS A 390 -19.02 -5.73 -17.28
C LYS A 390 -19.01 -5.18 -15.86
N LEU A 391 -18.67 -3.89 -15.72
CA LEU A 391 -18.60 -3.24 -14.41
C LEU A 391 -19.96 -3.23 -13.74
N LEU A 392 -20.99 -2.84 -14.48
CA LEU A 392 -22.31 -2.75 -13.85
C LEU A 392 -22.74 -4.13 -13.37
N LYS A 393 -22.44 -5.19 -14.14
CA LYS A 393 -22.81 -6.56 -13.81
C LYS A 393 -22.04 -7.03 -12.56
N ALA A 394 -20.73 -6.71 -12.50
CA ALA A 394 -19.87 -7.01 -11.37
C ALA A 394 -20.47 -6.44 -10.09
N ILE A 395 -20.94 -5.19 -10.14
CA ILE A 395 -21.60 -4.55 -9.01
C ILE A 395 -22.82 -5.34 -8.56
N GLU A 396 -23.73 -5.65 -9.50
CA GLU A 396 -24.95 -6.35 -9.13
C GLU A 396 -24.61 -7.74 -8.58
N ASP A 397 -23.65 -8.42 -9.22
CA ASP A 397 -23.23 -9.75 -8.80
C ASP A 397 -22.69 -9.76 -7.38
N VAL A 398 -21.75 -8.85 -7.09
CA VAL A 398 -21.09 -8.81 -5.80
C VAL A 398 -22.08 -8.42 -4.69
N LEU A 399 -22.94 -7.45 -4.98
CA LEU A 399 -23.94 -7.02 -4.00
C LEU A 399 -24.85 -8.17 -3.59
N ASN A 400 -25.14 -9.09 -4.52
CA ASN A 400 -26.12 -10.14 -4.25
C ASN A 400 -25.48 -11.52 -4.04
N ASP A 401 -24.14 -11.58 -3.93
CA ASP A 401 -23.44 -12.84 -3.73
C ASP A 401 -23.31 -13.10 -2.23
N GLU A 402 -24.15 -14.03 -1.76
CA GLU A 402 -24.29 -14.43 -0.38
C GLU A 402 -22.99 -15.07 0.14
N LYS A 403 -22.25 -15.75 -0.75
CA LYS A 403 -21.01 -16.39 -0.35
C LYS A 403 -19.93 -15.32 -0.09
N ILE A 404 -19.76 -14.39 -1.02
CA ILE A 404 -18.68 -13.37 -0.88
C ILE A 404 -18.92 -12.58 0.41
N ASN A 405 -20.16 -12.14 0.65
CA ASN A 405 -20.45 -11.31 1.84
C ASN A 405 -20.13 -12.10 3.11
N ALA A 406 -20.46 -13.40 3.12
CA ALA A 406 -20.19 -14.24 4.30
C ALA A 406 -18.68 -14.33 4.53
N ASN A 407 -17.92 -14.52 3.46
CA ASN A 407 -16.45 -14.62 3.56
C ASN A 407 -15.91 -13.31 4.13
N VAL A 408 -16.44 -12.18 3.67
CA VAL A 408 -15.97 -10.89 4.12
C VAL A 408 -16.36 -10.69 5.59
N ALA A 409 -17.57 -11.11 5.96
CA ALA A 409 -17.97 -10.99 7.35
C ALA A 409 -17.07 -11.85 8.24
N ARG A 410 -16.66 -13.02 7.76
CA ARG A 410 -15.79 -13.91 8.53
C ARG A 410 -14.39 -13.30 8.70
N VAL A 411 -13.85 -12.69 7.65
CA VAL A 411 -12.53 -12.08 7.75
C VAL A 411 -12.61 -10.84 8.64
N SER A 412 -13.69 -10.07 8.50
CA SER A 412 -13.91 -8.85 9.27
C SER A 412 -13.88 -9.18 10.75
N GLU A 413 -14.53 -10.29 11.14
CA GLU A 413 -14.56 -10.69 12.53
C GLU A 413 -13.15 -11.03 13.00
N GLU A 414 -12.41 -11.79 12.18
CA GLU A 414 -11.05 -12.21 12.51
C GLU A 414 -10.19 -10.98 12.81
N LEU A 415 -10.25 -9.98 11.92
CA LEU A 415 -9.39 -8.80 11.96
C LEU A 415 -9.60 -7.99 13.23
N LYS A 416 -10.86 -7.98 13.71
CA LYS A 416 -11.19 -7.21 14.90
C LYS A 416 -10.59 -7.87 16.16
N LYS A 417 -10.49 -9.21 16.20
CA LYS A 417 -10.11 -9.92 17.40
C LYS A 417 -8.60 -10.21 17.40
N SER A 418 -7.88 -9.64 16.43
CA SER A 418 -6.44 -9.88 16.34
C SER A 418 -5.69 -9.35 17.58
N ASP A 419 -4.78 -10.16 18.12
CA ASP A 419 -3.87 -9.75 19.17
C ASP A 419 -2.41 -9.72 18.69
N SER A 420 -2.21 -9.72 17.37
CA SER A 420 -0.89 -9.60 16.74
C SER A 420 -0.12 -8.41 17.30
N LYS A 421 -0.84 -7.34 17.63
CA LYS A 421 -0.21 -6.11 18.12
C LYS A 421 0.64 -6.37 19.37
N ASP A 422 0.16 -7.19 20.32
CA ASP A 422 0.88 -7.35 21.58
C ASP A 422 2.26 -7.97 21.32
N LYS A 423 2.28 -9.04 20.52
CA LYS A 423 3.49 -9.76 20.20
C LYS A 423 4.50 -8.83 19.52
N VAL A 424 4.06 -8.12 18.46
CA VAL A 424 4.89 -7.25 17.63
C VAL A 424 5.48 -6.12 18.47
N ILE A 425 4.64 -5.49 19.29
CA ILE A 425 5.11 -4.45 20.18
C ILE A 425 6.21 -4.98 21.10
N SER A 426 5.98 -6.16 21.69
CA SER A 426 6.96 -6.73 22.62
C SER A 426 8.31 -6.94 21.92
N LEU A 427 8.25 -7.35 20.64
CA LEU A 427 9.46 -7.61 19.88
C LEU A 427 10.20 -6.30 19.61
N ILE A 428 9.46 -5.26 19.21
CA ILE A 428 10.03 -3.94 18.96
C ILE A 428 10.75 -3.43 20.22
N GLU A 429 10.06 -3.51 21.36
CA GLU A 429 10.58 -3.06 22.65
C GLU A 429 11.84 -3.83 23.02
N LYS A 430 11.79 -5.18 22.84
CA LYS A 430 12.89 -6.06 23.21
C LYS A 430 14.14 -5.70 22.39
N LEU A 431 13.94 -5.58 21.07
CA LEU A 431 15.03 -5.29 20.16
C LEU A 431 15.66 -3.92 20.46
N ALA A 432 14.83 -2.91 20.74
CA ALA A 432 15.32 -1.59 21.09
C ALA A 432 16.23 -1.63 22.33
N ARG A 433 15.84 -2.42 23.34
CA ARG A 433 16.52 -2.41 24.63
C ARG A 433 17.77 -3.28 24.60
N ASP A 434 17.67 -4.43 23.93
CA ASP A 434 18.73 -5.43 23.97
C ASP A 434 19.73 -5.27 22.81
N LYS A 435 19.30 -4.59 21.74
CA LYS A 435 20.06 -4.39 20.50
C LYS A 435 20.22 -5.68 19.68
N LYS A 436 19.53 -6.76 20.06
CA LYS A 436 19.60 -8.05 19.37
C LYS A 436 18.35 -8.86 19.69
N LEU A 437 17.93 -9.69 18.73
CA LEU A 437 16.84 -10.65 18.86
C LEU A 437 15.46 -9.96 18.85
#